data_9LNP
#
_entry.id   9LNP
#
_cell.length_a   48.930
_cell.length_b   65.290
_cell.length_c   99.530
_cell.angle_alpha   90.000
_cell.angle_beta   90.000
_cell.angle_gamma   90.000
#
_symmetry.space_group_name_H-M   'P 21 21 21'
#
loop_
_entity.id
_entity.type
_entity.pdbx_description
1 polymer "DNA (5'-D(*TP*GP*T*(RP5)P*AP*TP*CP*TP*T)-3')"
2 polymer "DNA (5'-D(*AP*AP*AP*GP*AP*TP*AP*AP*CP*A)-3')"
3 polymer 'Uracil-DNA glycosylase'
4 non-polymer 'CALCIUM ION'
5 water water
#
loop_
_entity_poly.entity_id
_entity_poly.type
_entity_poly.pdbx_seq_one_letter_code
_entity_poly.pdbx_strand_id
1 'polydeoxyribonucleotide' (DT)(DG)(DT)(RP5)(DA)(DT)(DC)(DT)(DT) A
2 'polydeoxyribonucleotide' (DA)(DA)(DA)(DG)(DA)(DT)(DA)(DA)(DC)(DA) B
3 'polypeptide(L)'
;GSHMFGESWKKHLSGEFGKPYFIKLMGFVAEERKHYTVYPPPHQVFTWTQMCDIKDVKVVILGQDPYHGPNQAHGLCFSV
QRPVPPPPSLENIYKELSTDIEDFVHPGHGDLSGWAKQGVLLLNAVLTVRAHQANSHKERGWEQFTDAVVSWLNQNSNGL
VFLLWGSYAQKKGSAIDRKRHHVLQTAHPSPLSVYRGFFGCRHFSKTNELLQKSGKKPIDWKEL
;
E
#
# COMPACT_ATOMS: atom_id res chain seq x y z
N GLY C 1 12.88 -21.91 5.94
CA GLY C 1 12.06 -21.06 5.08
C GLY C 1 12.77 -19.74 4.85
N SER C 2 12.25 -18.93 3.91
CA SER C 2 12.86 -17.64 3.55
C SER C 2 12.35 -16.47 4.38
N HIS C 3 11.25 -16.65 5.12
CA HIS C 3 10.69 -15.59 5.98
C HIS C 3 10.45 -14.30 5.22
N MET C 4 9.73 -14.40 4.09
CA MET C 4 9.39 -13.21 3.33
C MET C 4 7.95 -12.75 3.54
N PHE C 5 7.09 -13.66 3.99
CA PHE C 5 5.67 -13.40 4.07
C PHE C 5 5.33 -13.56 5.56
N GLY C 6 4.88 -12.50 6.21
CA GLY C 6 4.64 -12.56 7.64
C GLY C 6 3.66 -13.66 8.01
N GLU C 7 3.85 -14.21 9.20
CA GLU C 7 3.19 -15.46 9.55
C GLU C 7 1.67 -15.30 9.68
N SER C 8 1.19 -14.21 10.28
CA SER C 8 -0.25 -14.05 10.47
C SER C 8 -0.95 -13.84 9.14
N TRP C 9 -0.25 -13.23 8.18
CA TRP C 9 -0.78 -13.06 6.83
C TRP C 9 -0.76 -14.37 6.07
N LYS C 10 0.34 -15.10 6.16
CA LYS C 10 0.41 -16.39 5.49
C LYS C 10 -0.72 -17.30 5.96
N LYS C 11 -1.02 -17.28 7.25
CA LYS C 11 -2.08 -18.12 7.78
C LYS C 11 -3.40 -17.92 7.03
N HIS C 12 -3.67 -16.69 6.61
CA HIS C 12 -4.97 -16.37 6.03
C HIS C 12 -4.95 -16.20 4.54
N LEU C 13 -3.78 -16.15 3.91
CA LEU C 13 -3.69 -15.93 2.47
C LEU C 13 -2.99 -17.05 1.73
N SER C 14 -2.41 -18.02 2.45
CA SER C 14 -1.65 -19.07 1.78
C SER C 14 -2.50 -19.90 0.83
N GLY C 15 -3.81 -19.91 1.02
CA GLY C 15 -4.67 -20.59 0.05
C GLY C 15 -4.48 -20.07 -1.37
N GLU C 16 -4.17 -18.78 -1.51
CA GLU C 16 -3.96 -18.23 -2.86
C GLU C 16 -2.79 -18.89 -3.57
N PHE C 17 -1.81 -19.40 -2.81
CA PHE C 17 -0.58 -19.87 -3.45
C PHE C 17 -0.78 -21.13 -4.27
N GLY C 18 -1.82 -21.90 -3.98
CA GLY C 18 -2.14 -23.08 -4.75
C GLY C 18 -3.10 -22.87 -5.90
N LYS C 19 -3.52 -21.63 -6.14
CA LYS C 19 -4.46 -21.35 -7.22
C LYS C 19 -3.73 -21.08 -8.54
N PRO C 20 -4.27 -21.59 -9.63
CA PRO C 20 -3.62 -21.40 -10.94
C PRO C 20 -3.24 -19.95 -11.25
N TYR C 21 -4.10 -18.97 -10.99
CA TYR C 21 -3.75 -17.60 -11.36
C TYR C 21 -2.47 -17.15 -10.66
N PHE C 22 -2.28 -17.56 -9.40
CA PHE C 22 -1.12 -17.09 -8.64
C PHE C 22 0.13 -17.84 -9.05
N ILE C 23 0.02 -19.14 -9.30
CA ILE C 23 1.14 -19.90 -9.82
C ILE C 23 1.62 -19.31 -11.14
N LYS C 24 0.66 -18.98 -12.02
CA LYS C 24 1.06 -18.43 -13.32
C LYS C 24 1.60 -17.02 -13.18
N LEU C 25 1.05 -16.23 -12.25
CA LEU C 25 1.55 -14.89 -11.98
C LEU C 25 3.02 -14.93 -11.54
N MET C 26 3.33 -15.79 -10.59
CA MET C 26 4.71 -15.81 -10.09
C MET C 26 5.64 -16.34 -11.17
N GLY C 27 5.13 -17.20 -12.04
CA GLY C 27 5.92 -17.63 -13.19
C GLY C 27 6.21 -16.49 -14.13
N PHE C 28 5.21 -15.64 -14.38
CA PHE C 28 5.38 -14.46 -15.21
C PHE C 28 6.42 -13.53 -14.59
N VAL C 29 6.35 -13.31 -13.29
CA VAL C 29 7.31 -12.41 -12.68
C VAL C 29 8.72 -12.99 -12.80
N ALA C 30 8.85 -14.31 -12.61
CA ALA C 30 10.18 -14.92 -12.73
C ALA C 30 10.71 -14.81 -14.15
N GLU C 31 9.84 -14.96 -15.14
CA GLU C 31 10.27 -14.81 -16.54
C GLU C 31 10.69 -13.38 -16.84
N GLU C 32 9.97 -12.41 -16.27
CA GLU C 32 10.38 -11.02 -16.42
C GLU C 32 11.75 -10.77 -15.79
N ARG C 33 12.00 -11.32 -14.60
CA ARG C 33 13.31 -11.10 -13.96
C ARG C 33 14.44 -11.71 -14.78
N LYS C 34 14.12 -12.75 -15.57
CA LYS C 34 15.16 -13.40 -16.37
C LYS C 34 15.71 -12.47 -17.47
N HIS C 35 14.89 -11.53 -17.94
CA HIS C 35 15.24 -10.73 -19.10
C HIS C 35 15.24 -9.25 -18.81
N TYR C 36 14.63 -8.79 -17.71
CA TYR C 36 14.52 -7.39 -17.39
C TYR C 36 14.75 -7.21 -15.91
N THR C 37 14.84 -5.96 -15.49
CA THR C 37 14.90 -5.63 -14.06
C THR C 37 13.49 -5.39 -13.58
N VAL C 38 13.12 -6.08 -12.52
CA VAL C 38 11.79 -5.99 -11.93
C VAL C 38 11.92 -5.44 -10.53
N TYR C 39 10.98 -4.55 -10.15
CA TYR C 39 10.98 -4.00 -8.80
C TYR C 39 9.67 -4.32 -8.10
N PRO C 40 9.68 -4.48 -6.79
CA PRO C 40 10.89 -4.50 -5.94
C PRO C 40 11.67 -5.81 -6.12
N PRO C 41 12.83 -5.93 -5.49
CA PRO C 41 13.54 -7.21 -5.54
C PRO C 41 12.72 -8.33 -4.92
N PRO C 42 13.12 -9.58 -5.17
CA PRO C 42 12.23 -10.71 -4.83
C PRO C 42 11.87 -10.78 -3.37
N HIS C 43 12.81 -10.46 -2.48
CA HIS C 43 12.58 -10.62 -1.05
C HIS C 43 11.75 -9.50 -0.46
N GLN C 44 11.36 -8.52 -1.25
CA GLN C 44 10.61 -7.36 -0.76
C GLN C 44 9.25 -7.18 -1.42
N VAL C 45 8.79 -8.15 -2.20
CA VAL C 45 7.46 -8.00 -2.80
C VAL C 45 6.39 -7.97 -1.72
N PHE C 46 6.64 -8.64 -0.59
CA PHE C 46 5.67 -8.83 0.49
C PHE C 46 6.09 -8.19 1.82
N THR C 47 6.91 -7.15 1.76
CA THR C 47 7.28 -6.44 2.99
C THR C 47 6.06 -5.94 3.76
N TRP C 48 4.98 -5.62 3.04
CA TRP C 48 3.75 -5.12 3.66
C TRP C 48 3.14 -6.16 4.59
N THR C 49 3.58 -7.43 4.54
CA THR C 49 3.10 -8.47 5.45
C THR C 49 3.95 -8.59 6.71
N GLN C 50 5.03 -7.82 6.83
CA GLN C 50 6.08 -8.08 7.80
C GLN C 50 6.15 -7.03 8.89
N MET C 51 5.28 -6.03 8.85
CA MET C 51 5.39 -4.89 9.74
C MET C 51 4.45 -4.97 10.93
N CYS C 52 3.30 -5.65 10.78
CA CYS C 52 2.36 -5.81 11.89
C CYS C 52 1.53 -7.06 11.66
N ASP C 53 0.93 -7.55 12.74
CA ASP C 53 0.00 -8.66 12.64
C ASP C 53 -1.22 -8.24 11.81
N ILE C 54 -1.77 -9.18 11.04
CA ILE C 54 -2.88 -8.83 10.14
C ILE C 54 -4.08 -8.39 10.96
N LYS C 55 -4.23 -8.93 12.18
CA LYS C 55 -5.33 -8.57 13.05
C LYS C 55 -5.23 -7.15 13.60
N ASP C 56 -4.07 -6.51 13.45
CA ASP C 56 -3.83 -5.18 14.00
C ASP C 56 -3.90 -4.11 12.94
N VAL C 57 -4.23 -4.47 11.71
CA VAL C 57 -4.41 -3.48 10.67
C VAL C 57 -5.62 -2.62 11.01
N LYS C 58 -5.46 -1.31 10.92
CA LYS C 58 -6.51 -0.33 11.19
C LYS C 58 -6.80 0.57 10.01
N VAL C 59 -5.81 0.75 9.14
CA VAL C 59 -5.89 1.63 7.99
C VAL C 59 -5.24 0.91 6.84
N VAL C 60 -5.81 1.05 5.65
CA VAL C 60 -5.23 0.50 4.43
C VAL C 60 -5.04 1.64 3.46
N ILE C 61 -3.79 1.89 3.07
CA ILE C 61 -3.49 2.78 1.97
C ILE C 61 -3.20 1.91 0.74
N LEU C 62 -3.98 2.14 -0.30
CA LEU C 62 -3.88 1.35 -1.53
C LEU C 62 -3.47 2.26 -2.68
N GLY C 63 -2.28 2.00 -3.23
CA GLY C 63 -1.80 2.68 -4.40
C GLY C 63 -1.91 1.84 -5.64
N GLN C 64 -1.19 2.22 -6.69
CA GLN C 64 -1.32 1.60 -8.00
C GLN C 64 -0.35 0.42 -8.17
N ASP C 65 0.93 0.72 -8.15
CA ASP C 65 1.98 -0.29 -8.31
C ASP C 65 3.29 0.31 -7.83
N PRO C 66 4.35 -0.49 -7.72
CA PRO C 66 5.58 -0.02 -7.08
C PRO C 66 6.29 1.05 -7.90
N TYR C 67 7.11 1.86 -7.20
CA TYR C 67 8.04 2.73 -7.88
C TYR C 67 8.86 1.91 -8.87
N HIS C 68 9.22 2.52 -10.02
CA HIS C 68 9.88 1.79 -11.09
C HIS C 68 11.32 2.23 -11.32
N GLY C 69 11.94 2.88 -10.35
CA GLY C 69 13.31 3.31 -10.48
C GLY C 69 14.25 2.56 -9.54
N PRO C 70 15.56 2.60 -9.83
CA PRO C 70 16.50 1.81 -9.03
C PRO C 70 16.46 2.18 -7.54
N ASN C 71 16.45 1.15 -6.69
CA ASN C 71 16.59 1.30 -5.23
C ASN C 71 15.44 2.06 -4.58
N GLN C 72 14.28 2.12 -5.22
CA GLN C 72 13.13 2.82 -4.63
C GLN C 72 12.16 1.88 -3.93
N ALA C 73 11.38 1.16 -4.72
CA ALA C 73 10.36 0.29 -4.15
C ALA C 73 10.98 -0.72 -3.19
N HIS C 74 10.34 -0.93 -2.04
CA HIS C 74 10.78 -2.01 -1.15
C HIS C 74 9.58 -2.73 -0.53
N GLY C 75 8.40 -2.65 -1.16
CA GLY C 75 7.25 -3.45 -0.78
C GLY C 75 6.27 -2.78 0.15
N LEU C 76 6.48 -1.51 0.49
CA LEU C 76 5.53 -0.69 1.21
C LEU C 76 5.15 0.48 0.31
N CYS C 77 3.87 0.61 -0.04
CA CYS C 77 3.53 1.57 -1.08
C CYS C 77 4.04 2.96 -0.67
N PHE C 78 4.73 3.61 -1.62
CA PHE C 78 5.19 5.00 -1.59
C PHE C 78 6.44 5.17 -0.74
N SER C 79 6.91 4.13 -0.08
CA SER C 79 8.08 4.16 0.80
C SER C 79 9.38 3.92 0.03
N VAL C 80 10.46 4.54 0.51
CA VAL C 80 11.81 4.23 0.04
C VAL C 80 12.74 4.16 1.25
N GLN C 81 13.66 3.20 1.22
CA GLN C 81 14.61 3.04 2.30
C GLN C 81 15.73 4.06 2.19
N ARG C 82 16.21 4.49 3.35
CA ARG C 82 17.39 5.34 3.41
C ARG C 82 18.57 4.67 2.70
N PRO C 83 19.43 5.43 2.01
CA PRO C 83 19.44 6.89 1.89
C PRO C 83 18.67 7.46 0.72
N VAL C 84 17.80 6.70 0.09
CA VAL C 84 17.16 7.15 -1.16
C VAL C 84 16.20 8.29 -0.84
N PRO C 85 16.25 9.40 -1.60
CA PRO C 85 15.34 10.50 -1.29
C PRO C 85 13.91 10.19 -1.64
N PRO C 86 12.94 10.77 -0.91
CA PRO C 86 11.54 10.57 -1.26
C PRO C 86 11.29 10.89 -2.72
N PRO C 87 10.66 9.99 -3.47
CA PRO C 87 10.26 10.31 -4.83
C PRO C 87 9.19 11.40 -4.85
N PRO C 88 8.89 11.93 -6.03
CA PRO C 88 7.92 13.04 -6.09
C PRO C 88 6.56 12.69 -5.50
N SER C 89 6.10 11.46 -5.66
CA SER C 89 4.83 11.05 -5.06
C SER C 89 4.86 11.23 -3.55
N LEU C 90 5.92 10.75 -2.92
CA LEU C 90 6.02 10.84 -1.47
C LEU C 90 6.20 12.28 -1.01
N GLU C 91 6.94 13.09 -1.76
CA GLU C 91 7.03 14.50 -1.41
C GLU C 91 5.65 15.15 -1.43
N ASN C 92 4.79 14.72 -2.35
CA ASN C 92 3.43 15.26 -2.37
C ASN C 92 2.61 14.75 -1.19
N ILE C 93 2.78 13.48 -0.81
CA ILE C 93 2.15 12.98 0.40
C ILE C 93 2.59 13.81 1.61
N TYR C 94 3.90 14.06 1.73
CA TYR C 94 4.40 14.86 2.84
C TYR C 94 3.85 16.29 2.80
N LYS C 95 3.74 16.88 1.61
CA LYS C 95 3.19 18.22 1.51
C LYS C 95 1.74 18.27 2.01
N GLU C 96 0.92 17.28 1.62
CA GLU C 96 -0.46 17.25 2.13
C GLU C 96 -0.48 17.01 3.63
N LEU C 97 0.39 16.13 4.13
CA LEU C 97 0.45 15.92 5.58
C LEU C 97 0.75 17.23 6.28
N SER C 98 1.61 18.06 5.67
CA SER C 98 2.01 19.29 6.35
C SER C 98 0.87 20.27 6.49
N THR C 99 -0.06 20.32 5.52
CA THR C 99 -1.23 21.18 5.68
C THR C 99 -2.35 20.51 6.45
N ASP C 100 -2.42 19.19 6.46
CA ASP C 100 -3.53 18.44 7.06
C ASP C 100 -3.32 18.22 8.54
N ILE C 101 -2.08 17.95 8.94
CA ILE C 101 -1.71 17.64 10.31
C ILE C 101 -0.76 18.73 10.78
N GLU C 102 -1.20 19.57 11.72
CA GLU C 102 -0.41 20.76 12.03
C GLU C 102 0.95 20.39 12.60
N ASP C 103 1.06 19.26 13.28
CA ASP C 103 2.31 18.88 13.93
C ASP C 103 3.25 18.15 12.98
N PHE C 104 2.83 17.87 11.76
CA PHE C 104 3.67 17.06 10.89
C PHE C 104 4.79 17.91 10.31
N VAL C 105 6.00 17.38 10.34
CA VAL C 105 7.17 18.01 9.75
C VAL C 105 7.87 16.99 8.86
N HIS C 106 8.33 17.43 7.70
CA HIS C 106 9.07 16.56 6.80
C HIS C 106 10.17 15.79 7.56
N PRO C 107 10.16 14.46 7.52
CA PRO C 107 11.05 13.67 8.39
C PRO C 107 12.49 13.63 7.94
N GLY C 108 12.81 14.05 6.70
CA GLY C 108 14.17 13.90 6.26
C GLY C 108 14.52 12.63 5.52
N HIS C 109 13.53 11.74 5.30
CA HIS C 109 13.76 10.47 4.64
C HIS C 109 12.41 9.99 4.15
N GLY C 110 12.42 8.84 3.50
CA GLY C 110 11.21 8.35 2.83
C GLY C 110 10.76 6.98 3.30
N ASP C 111 11.30 6.50 4.42
CA ASP C 111 10.97 5.16 4.93
C ASP C 111 9.69 5.23 5.77
N LEU C 112 8.61 4.61 5.29
CA LEU C 112 7.32 4.68 5.96
C LEU C 112 7.06 3.49 6.86
N SER C 113 8.11 2.74 7.22
CA SER C 113 7.95 1.57 8.08
C SER C 113 7.22 1.93 9.36
N GLY C 114 7.42 3.16 9.85
CA GLY C 114 6.81 3.54 11.12
C GLY C 114 5.30 3.65 11.08
N TRP C 115 4.74 4.00 9.93
CA TRP C 115 3.29 3.91 9.79
C TRP C 115 2.84 2.45 9.74
N ALA C 116 3.56 1.63 8.97
CA ALA C 116 3.15 0.23 8.83
C ALA C 116 3.13 -0.46 10.19
N LYS C 117 4.11 -0.17 11.04
CA LYS C 117 4.13 -0.80 12.35
C LYS C 117 2.95 -0.39 13.23
N GLN C 118 2.34 0.76 12.95
CA GLN C 118 1.17 1.17 13.72
C GLN C 118 -0.12 0.56 13.20
N GLY C 119 -0.05 -0.28 12.16
CA GLY C 119 -1.23 -0.91 11.60
C GLY C 119 -1.78 -0.21 10.37
N VAL C 120 -0.98 0.59 9.68
CA VAL C 120 -1.32 1.10 8.37
C VAL C 120 -0.78 0.09 7.36
N LEU C 121 -1.68 -0.61 6.67
CA LEU C 121 -1.27 -1.52 5.60
C LEU C 121 -0.91 -0.68 4.38
N LEU C 122 0.33 -0.76 3.90
CA LEU C 122 0.81 0.07 2.80
C LEU C 122 0.86 -0.84 1.57
N LEU C 123 -0.32 -1.02 0.95
CA LEU C 123 -0.49 -1.96 -0.15
C LEU C 123 -0.58 -1.25 -1.51
N ASN C 124 -0.06 -1.89 -2.54
CA ASN C 124 -0.33 -1.48 -3.91
C ASN C 124 -1.23 -2.52 -4.58
N ALA C 125 -2.05 -2.07 -5.54
CA ALA C 125 -2.96 -3.00 -6.21
C ALA C 125 -2.18 -4.05 -6.99
N VAL C 126 -1.07 -3.63 -7.62
CA VAL C 126 -0.16 -4.49 -8.34
C VAL C 126 1.16 -4.42 -7.59
N LEU C 127 1.84 -5.56 -7.44
CA LEU C 127 2.96 -5.63 -6.51
C LEU C 127 4.34 -5.79 -7.15
N THR C 128 4.44 -5.85 -8.48
CA THR C 128 5.71 -5.76 -9.17
C THR C 128 5.58 -4.81 -10.35
N VAL C 129 6.71 -4.36 -10.87
CA VAL C 129 6.76 -3.47 -12.02
C VAL C 129 8.06 -3.70 -12.77
N ARG C 130 7.99 -3.64 -14.10
CA ARG C 130 9.22 -3.65 -14.89
C ARG C 130 9.87 -2.28 -14.81
N ALA C 131 11.19 -2.27 -14.66
CA ALA C 131 11.93 -1.03 -14.51
C ALA C 131 11.53 -0.03 -15.59
N HIS C 132 11.43 1.23 -15.17
CA HIS C 132 11.16 2.40 -16.00
C HIS C 132 9.74 2.48 -16.56
N GLN C 133 8.85 1.52 -16.30
CA GLN C 133 7.53 1.47 -16.95
C GLN C 133 6.40 1.34 -15.95
N ALA C 134 5.82 2.47 -15.56
CA ALA C 134 4.73 2.48 -14.59
C ALA C 134 3.56 1.60 -15.05
N ASN C 135 3.08 0.75 -14.15
CA ASN C 135 1.91 -0.12 -14.27
C ASN C 135 2.15 -1.17 -15.37
N SER C 136 3.40 -1.51 -15.65
CA SER C 136 3.69 -2.50 -16.69
C SER C 136 3.28 -3.91 -16.34
N HIS C 137 3.07 -4.24 -15.06
CA HIS C 137 2.61 -5.57 -14.68
C HIS C 137 1.13 -5.60 -14.29
N LYS C 138 0.35 -4.63 -14.74
CA LYS C 138 -1.08 -4.70 -14.48
C LYS C 138 -1.74 -5.83 -15.27
N GLU C 139 -2.85 -6.34 -14.73
CA GLU C 139 -3.71 -7.30 -15.41
C GLU C 139 -3.04 -8.66 -15.64
N ARG C 140 -2.08 -9.01 -14.78
CA ARG C 140 -1.36 -10.26 -14.88
C ARG C 140 -1.72 -11.25 -13.79
N GLY C 141 -2.47 -10.82 -12.77
CA GLY C 141 -2.84 -11.69 -11.68
C GLY C 141 -2.78 -11.01 -10.33
N TRP C 142 -1.99 -9.94 -10.22
CA TRP C 142 -1.84 -9.34 -8.91
C TRP C 142 -3.17 -8.85 -8.38
N GLU C 143 -4.03 -8.33 -9.27
CA GLU C 143 -5.30 -7.75 -8.82
C GLU C 143 -6.16 -8.78 -8.08
N GLN C 144 -6.19 -10.02 -8.57
CA GLN C 144 -6.94 -11.04 -7.84
C GLN C 144 -6.34 -11.29 -6.47
N PHE C 145 -5.00 -11.23 -6.37
CA PHE C 145 -4.38 -11.49 -5.08
C PHE C 145 -4.67 -10.38 -4.08
N THR C 146 -4.52 -9.12 -4.52
CA THR C 146 -4.75 -8.03 -3.59
C THR C 146 -6.25 -7.86 -3.33
N ASP C 147 -7.10 -8.30 -4.27
CA ASP C 147 -8.53 -8.46 -3.98
C ASP C 147 -8.72 -9.41 -2.80
N ALA C 148 -7.95 -10.51 -2.77
CA ALA C 148 -8.08 -11.47 -1.66
C ALA C 148 -7.68 -10.84 -0.34
N VAL C 149 -6.63 -10.00 -0.36
CA VAL C 149 -6.24 -9.28 0.84
C VAL C 149 -7.37 -8.38 1.30
N VAL C 150 -7.90 -7.55 0.39
CA VAL C 150 -8.97 -6.64 0.77
C VAL C 150 -10.18 -7.41 1.24
N SER C 151 -10.51 -8.51 0.57
CA SER C 151 -11.69 -9.28 0.96
C SER C 151 -11.52 -9.88 2.36
N TRP C 152 -10.35 -10.41 2.69
CA TRP C 152 -10.17 -10.95 4.03
C TRP C 152 -10.39 -9.86 5.08
N LEU C 153 -9.76 -8.71 4.90
CA LEU C 153 -9.89 -7.63 5.88
C LEU C 153 -11.31 -7.15 5.98
N ASN C 154 -11.97 -6.98 4.83
CA ASN C 154 -13.36 -6.55 4.81
C ASN C 154 -14.22 -7.46 5.66
N GLN C 155 -13.98 -8.77 5.58
CA GLN C 155 -14.86 -9.72 6.25
C GLN C 155 -14.50 -9.93 7.71
N ASN C 156 -13.21 -9.83 8.08
CA ASN C 156 -12.76 -10.25 9.40
C ASN C 156 -12.43 -9.11 10.33
N SER C 157 -12.36 -7.89 9.84
CA SER C 157 -12.04 -6.72 10.64
C SER C 157 -13.29 -5.84 10.74
N ASN C 158 -13.19 -4.80 11.56
CA ASN C 158 -14.31 -3.88 11.71
C ASN C 158 -13.79 -2.46 11.80
N GLY C 159 -14.47 -1.56 11.10
CA GLY C 159 -14.16 -0.15 11.20
C GLY C 159 -12.84 0.24 10.59
N LEU C 160 -12.37 -0.50 9.57
CA LEU C 160 -11.17 -0.12 8.86
C LEU C 160 -11.39 1.15 8.07
N VAL C 161 -10.32 1.91 7.88
CA VAL C 161 -10.30 3.07 7.01
C VAL C 161 -9.50 2.66 5.78
N PHE C 162 -10.14 2.62 4.62
CA PHE C 162 -9.45 2.35 3.37
C PHE C 162 -9.25 3.67 2.65
N LEU C 163 -8.01 3.95 2.26
CA LEU C 163 -7.64 5.12 1.47
C LEU C 163 -7.22 4.61 0.09
N LEU C 164 -8.07 4.85 -0.89
CA LEU C 164 -7.86 4.36 -2.25
C LEU C 164 -7.35 5.50 -3.11
N TRP C 165 -6.08 5.45 -3.46
CA TRP C 165 -5.41 6.55 -4.14
C TRP C 165 -5.17 6.17 -5.60
N GLY C 166 -5.93 6.78 -6.48
CA GLY C 166 -5.82 6.51 -7.89
C GLY C 166 -6.88 5.55 -8.41
N SER C 167 -7.05 5.61 -9.74
CA SER C 167 -8.14 4.87 -10.38
C SER C 167 -7.96 3.35 -10.19
N TYR C 168 -6.69 2.87 -10.28
CA TYR C 168 -6.47 1.43 -10.18
C TYR C 168 -6.76 0.92 -8.78
N ALA C 169 -6.34 1.66 -7.75
CA ALA C 169 -6.67 1.26 -6.39
C ALA C 169 -8.19 1.31 -6.17
N GLN C 170 -8.84 2.31 -6.73
CA GLN C 170 -10.28 2.45 -6.54
C GLN C 170 -11.07 1.30 -7.12
N LYS C 171 -10.46 0.48 -7.98
CA LYS C 171 -11.17 -0.71 -8.43
C LYS C 171 -11.53 -1.63 -7.28
N LYS C 172 -10.80 -1.54 -6.16
CA LYS C 172 -11.10 -2.35 -5.00
C LYS C 172 -12.36 -1.90 -4.26
N GLY C 173 -12.87 -0.71 -4.56
CA GLY C 173 -13.93 -0.16 -3.72
C GLY C 173 -15.17 -1.00 -3.70
N SER C 174 -15.51 -1.65 -4.83
CA SER C 174 -16.74 -2.41 -4.92
C SER C 174 -16.76 -3.55 -3.92
N ALA C 175 -15.58 -4.04 -3.55
CA ALA C 175 -15.42 -5.19 -2.65
C ALA C 175 -15.58 -4.84 -1.19
N ILE C 176 -15.75 -3.57 -0.83
CA ILE C 176 -15.66 -3.12 0.55
C ILE C 176 -17.04 -2.73 1.03
N ASP C 177 -17.44 -3.28 2.17
CA ASP C 177 -18.74 -3.02 2.74
C ASP C 177 -18.72 -1.64 3.40
N ARG C 178 -19.45 -0.67 2.80
CA ARG C 178 -19.32 0.73 3.21
C ARG C 178 -20.12 1.06 4.45
N LYS C 179 -20.95 0.15 4.93
CA LYS C 179 -21.65 0.32 6.19
C LYS C 179 -20.88 -0.32 7.34
N ARG C 180 -19.68 -0.81 7.07
CA ARG C 180 -18.92 -1.53 8.07
C ARG C 180 -17.51 -0.96 8.13
N HIS C 181 -17.03 -0.49 6.98
CA HIS C 181 -15.74 0.16 6.85
C HIS C 181 -15.94 1.51 6.18
N HIS C 182 -14.90 2.31 6.23
CA HIS C 182 -14.90 3.68 5.70
C HIS C 182 -13.96 3.73 4.52
N VAL C 183 -14.44 4.25 3.41
CA VAL C 183 -13.63 4.31 2.20
C VAL C 183 -13.50 5.76 1.76
N LEU C 184 -12.27 6.24 1.69
CA LEU C 184 -11.95 7.58 1.21
C LEU C 184 -11.18 7.41 -0.09
N GLN C 185 -11.57 8.14 -1.12
CA GLN C 185 -10.96 7.98 -2.44
C GLN C 185 -10.45 9.31 -2.95
N THR C 186 -9.25 9.30 -3.54
CA THR C 186 -8.77 10.52 -4.20
C THR C 186 -7.77 10.11 -5.28
N ALA C 187 -7.26 11.13 -5.98
CA ALA C 187 -6.30 10.92 -7.06
C ALA C 187 -4.97 10.42 -6.52
N HIS C 188 -4.21 9.78 -7.40
CA HIS C 188 -2.87 9.32 -7.04
C HIS C 188 -1.99 10.53 -6.71
N PRO C 189 -1.06 10.41 -5.75
CA PRO C 189 -0.19 11.55 -5.41
C PRO C 189 0.95 11.80 -6.38
N SER C 190 1.13 10.99 -7.42
CA SER C 190 2.11 11.33 -8.44
C SER C 190 1.88 12.75 -8.91
N PRO C 191 2.95 13.50 -9.22
CA PRO C 191 2.77 14.80 -9.88
C PRO C 191 1.89 14.75 -11.10
N LEU C 192 1.81 13.59 -11.77
CA LEU C 192 1.00 13.49 -12.97
C LEU C 192 -0.50 13.50 -12.67
N SER C 193 -0.89 13.36 -11.41
CA SER C 193 -2.31 13.33 -11.06
C SER C 193 -2.68 14.08 -9.79
N VAL C 194 -1.70 14.59 -9.03
CA VAL C 194 -1.98 15.06 -7.66
C VAL C 194 -2.98 16.21 -7.66
N TYR C 195 -2.98 17.03 -8.71
CA TYR C 195 -3.81 18.21 -8.82
C TYR C 195 -5.27 17.86 -9.06
N ARG C 196 -5.59 16.59 -9.24
CA ARG C 196 -6.96 16.14 -9.41
C ARG C 196 -7.64 15.77 -8.08
N GLY C 197 -7.18 16.32 -6.96
CA GLY C 197 -7.89 16.11 -5.73
C GLY C 197 -7.05 15.69 -4.54
N PHE C 198 -5.84 15.17 -4.78
CA PHE C 198 -5.04 14.71 -3.65
C PHE C 198 -4.69 15.85 -2.72
N PHE C 199 -4.15 16.93 -3.27
CA PHE C 199 -3.94 18.12 -2.46
C PHE C 199 -5.30 18.61 -2.00
N GLY C 200 -5.48 18.69 -0.68
CA GLY C 200 -6.72 19.09 -0.10
C GLY C 200 -7.64 17.95 0.30
N CYS C 201 -7.23 16.70 0.06
CA CYS C 201 -8.10 15.58 0.39
C CYS C 201 -8.24 15.37 1.88
N ARG C 202 -7.24 15.80 2.67
CA ARG C 202 -7.27 15.73 4.13
C ARG C 202 -7.52 14.32 4.65
N HIS C 203 -7.01 13.30 3.95
CA HIS C 203 -7.30 11.91 4.33
C HIS C 203 -6.65 11.54 5.65
N PHE C 204 -5.53 12.17 6.01
CA PHE C 204 -4.80 11.78 7.22
C PHE C 204 -5.56 12.21 8.46
N SER C 205 -6.03 13.44 8.48
CA SER C 205 -6.82 13.92 9.61
C SER C 205 -8.17 13.22 9.61
N LYS C 206 -8.77 13.02 8.42
CA LYS C 206 -10.06 12.31 8.38
C LYS C 206 -9.94 10.89 8.94
N THR C 207 -8.87 10.20 8.56
CA THR C 207 -8.62 8.86 9.06
C THR C 207 -8.60 8.85 10.58
N ASN C 208 -7.90 9.81 11.19
CA ASN C 208 -7.79 9.80 12.64
C ASN C 208 -9.12 10.13 13.27
N GLU C 209 -9.89 11.06 12.68
CA GLU C 209 -11.24 11.36 13.18
C GLU C 209 -12.09 10.09 13.24
N LEU C 210 -12.05 9.30 12.16
CA LEU C 210 -12.83 8.07 12.08
C LEU C 210 -12.33 7.02 13.09
N LEU C 211 -11.01 6.88 13.23
CA LEU C 211 -10.50 5.94 14.21
C LEU C 211 -10.98 6.34 15.61
N GLN C 212 -10.83 7.62 15.95
CA GLN C 212 -11.12 8.07 17.30
C GLN C 212 -12.60 7.95 17.61
N LYS C 213 -13.47 8.23 16.62
CA LYS C 213 -14.90 8.06 16.84
C LYS C 213 -15.28 6.61 17.19
N SER C 214 -14.56 5.64 16.61
CA SER C 214 -14.84 4.23 16.84
C SER C 214 -14.01 3.64 17.98
N GLY C 215 -13.42 4.49 18.83
CA GLY C 215 -12.75 3.99 20.00
C GLY C 215 -11.33 3.50 19.78
N LYS C 216 -10.77 3.71 18.60
CA LYS C 216 -9.43 3.25 18.28
C LYS C 216 -8.42 4.38 18.43
N LYS C 217 -7.17 3.98 18.65
CA LYS C 217 -6.09 4.95 18.77
C LYS C 217 -5.74 5.53 17.41
N PRO C 218 -5.59 6.85 17.31
CA PRO C 218 -5.25 7.45 16.01
C PRO C 218 -3.87 7.02 15.54
N ILE C 219 -3.63 7.19 14.24
CA ILE C 219 -2.29 7.02 13.70
C ILE C 219 -1.46 8.25 14.07
N ASP C 220 -0.23 8.03 14.55
CA ASP C 220 0.71 9.12 14.76
C ASP C 220 1.51 9.25 13.47
N TRP C 221 1.11 10.17 12.60
CA TRP C 221 1.72 10.25 11.28
C TRP C 221 3.14 10.80 11.34
N LYS C 222 3.54 11.42 12.46
CA LYS C 222 4.92 11.84 12.60
C LYS C 222 5.85 10.72 13.01
N GLU C 223 5.31 9.56 13.42
CA GLU C 223 6.13 8.46 13.97
C GLU C 223 6.70 7.68 12.80
N LEU C 224 7.85 8.16 12.30
CA LEU C 224 8.54 7.57 11.17
C LEU C 224 10.01 7.39 11.58
#